data_5MAF
#
_entry.id   5MAF
#
_cell.length_a   59.913
_cell.length_b   63.713
_cell.length_c   91.292
_cell.angle_alpha   90.00
_cell.angle_beta   90.00
_cell.angle_gamma   90.00
#
_symmetry.space_group_name_H-M   'P 21 21 21'
#
loop_
_entity.id
_entity.type
_entity.pdbx_description
1 polymer 'Maternal embryonic leucine zipper kinase'
2 non-polymer 'DIMETHYL SULFOXIDE'
3 non-polymer 'CHLORIDE ION'
4 non-polymer 'methyl (3Z)-3-{[(4-{methyl[(4-methylpiperazin-1-yl)acetyl]amino}phenyl)amino](phenyl)methylidene}-2-oxo-2,3-dihydro-1H-indole-6-carboxylate'
5 water water
#
_entity_poly.entity_id   1
_entity_poly.type   'polypeptide(L)'
_entity_poly.pdbx_seq_one_letter_code
;GPKDYDELLKYYELHETIGTGGFAKVKLACHILTGEMVAIKIMDKNTLGSDLPRIKTEIEALKNLRHQHICQLYHVLETA
NKIFMVLEYCPGGELFDYIISQDRLSEEETRVVFRQIVSAVAYVHSQGYAHRDLKPENLLFDEYHKLKLIDFGLCAKPKG
NKDYHLQTCCGSLAYAAPELIQGKSYLGSEADVWSMGILLYVLMCGFLPFDDDNVMALYKKIMRGKYDVPKWLSPSSILL
LQQMLQVDPKKRISMKNLLNHPWIMQDYNYPVEWQSKNPFIHLDDDCVTELSVHHRNNRQTMEDLISLWQYDHLTATYLL
LLAKKARGKPVRLRLSSFSCGHHHHHH
;
_entity_poly.pdbx_strand_id   A
#
loop_
_chem_comp.id
_chem_comp.type
_chem_comp.name
_chem_comp.formula
CL non-polymer 'CHLORIDE ION' 'Cl -1'
DMS non-polymer 'DIMETHYL SULFOXIDE' 'C2 H6 O S'
XIN non-polymer 'methyl (3Z)-3-{[(4-{methyl[(4-methylpiperazin-1-yl)acetyl]amino}phenyl)amino](phenyl)methylidene}-2-oxo-2,3-dihydro-1H-indole-6-carboxylate' 'C31 H33 N5 O4'
#
# COMPACT_ATOMS: atom_id res chain seq x y z
N PRO A 2 0.65 -5.62 28.67
CA PRO A 2 -0.72 -5.58 29.22
C PRO A 2 -1.25 -4.16 29.45
N LYS A 3 -0.48 -3.36 30.21
CA LYS A 3 -0.78 -1.92 30.37
C LYS A 3 -0.52 -1.09 29.10
N ASP A 4 0.29 -1.62 28.18
CA ASP A 4 0.49 -1.00 26.86
C ASP A 4 -0.77 -1.06 25.98
N TYR A 5 -1.58 -2.11 26.16
CA TYR A 5 -2.84 -2.28 25.41
C TYR A 5 -4.06 -1.60 26.06
N ASP A 6 -3.89 -0.99 27.23
CA ASP A 6 -4.99 -0.34 27.95
C ASP A 6 -5.58 0.82 27.15
N GLU A 7 -4.70 1.67 26.62
CA GLU A 7 -5.10 2.84 25.83
C GLU A 7 -5.80 2.45 24.54
N LEU A 8 -5.35 1.37 23.91
CA LEU A 8 -5.94 0.88 22.68
C LEU A 8 -7.32 0.27 22.92
N LEU A 9 -7.42 -0.58 23.93
CA LEU A 9 -8.65 -1.32 24.23
C LEU A 9 -9.86 -0.43 24.57
N LYS A 10 -9.61 0.82 24.96
CA LYS A 10 -10.68 1.82 25.08
C LYS A 10 -11.50 1.95 23.81
N TYR A 11 -10.82 1.95 22.67
CA TYR A 11 -11.42 2.32 21.38
C TYR A 11 -11.63 1.17 20.39
N TYR A 12 -11.04 -0.01 20.66
CA TYR A 12 -11.10 -1.16 19.74
C TYR A 12 -11.26 -2.50 20.47
N GLU A 13 -12.06 -3.40 19.88
CA GLU A 13 -12.12 -4.80 20.31
C GLU A 13 -11.12 -5.60 19.47
N LEU A 14 -10.03 -6.05 20.07
CA LEU A 14 -8.99 -6.79 19.33
C LEU A 14 -9.36 -8.25 19.07
N HIS A 15 -9.21 -8.68 17.81
CA HIS A 15 -9.38 -10.08 17.41
C HIS A 15 -7.99 -10.70 17.20
N GLU A 16 -7.88 -11.76 16.39
CA GLU A 16 -6.62 -12.50 16.25
C GLU A 16 -5.53 -11.73 15.50
N THR A 17 -4.29 -12.15 15.70
CA THR A 17 -3.17 -11.78 14.84
C THR A 17 -3.46 -12.37 13.46
N ILE A 18 -3.71 -11.50 12.48
CA ILE A 18 -4.01 -11.91 11.09
C ILE A 18 -2.77 -11.94 10.20
N GLY A 19 -1.62 -11.54 10.74
CA GLY A 19 -0.37 -11.67 10.03
C GLY A 19 0.79 -11.14 10.86
N THR A 20 2.01 -11.47 10.44
CA THR A 20 3.19 -11.11 11.21
C THR A 20 4.47 -11.16 10.34
N GLY A 21 4.89 -9.97 9.88
CA GLY A 21 6.23 -9.79 9.32
C GLY A 21 7.26 -9.65 10.43
N GLY A 22 8.53 -9.58 10.05
CA GLY A 22 9.63 -9.47 11.00
C GLY A 22 9.61 -8.20 11.84
N PHE A 23 9.14 -7.10 11.26
CA PHE A 23 9.17 -5.78 11.90
C PHE A 23 7.96 -5.48 12.77
N ALA A 24 6.80 -6.07 12.44
CA ALA A 24 5.55 -5.76 13.12
C ALA A 24 4.57 -6.91 13.08
N LYS A 25 3.66 -6.92 14.05
CA LYS A 25 2.52 -7.83 14.08
C LYS A 25 1.25 -7.03 13.85
N VAL A 26 0.34 -7.58 13.06
CA VAL A 26 -0.90 -6.93 12.73
C VAL A 26 -2.06 -7.78 13.27
N LYS A 27 -2.99 -7.13 13.95
CA LYS A 27 -4.20 -7.77 14.47
C LYS A 27 -5.45 -7.18 13.82
N LEU A 28 -6.42 -8.04 13.52
CA LEU A 28 -7.77 -7.60 13.17
C LEU A 28 -8.44 -7.01 14.40
N ALA A 29 -9.17 -5.92 14.21
CA ALA A 29 -9.93 -5.32 15.29
C ALA A 29 -11.17 -4.60 14.78
N CYS A 30 -12.09 -4.35 15.71
CA CYS A 30 -13.33 -3.64 15.45
C CYS A 30 -13.26 -2.29 16.15
N HIS A 31 -13.48 -1.20 15.41
CA HIS A 31 -13.61 0.12 16.01
C HIS A 31 -14.94 0.19 16.73
N ILE A 32 -14.91 0.37 18.04
CA ILE A 32 -16.11 0.24 18.88
C ILE A 32 -17.19 1.25 18.47
N LEU A 33 -16.79 2.50 18.22
CA LEU A 33 -17.77 3.56 17.92
C LEU A 33 -18.48 3.45 16.57
N THR A 34 -17.86 2.77 15.60
CA THR A 34 -18.43 2.62 14.24
C THR A 34 -18.72 1.18 13.82
N GLY A 35 -18.21 0.19 14.55
CA GLY A 35 -18.30 -1.20 14.14
C GLY A 35 -17.47 -1.57 12.91
N GLU A 36 -16.58 -0.66 12.49
CA GLU A 36 -15.78 -0.84 11.27
C GLU A 36 -14.58 -1.73 11.57
N MET A 37 -14.30 -2.68 10.68
CA MET A 37 -13.11 -3.50 10.77
C MET A 37 -11.86 -2.69 10.40
N VAL A 38 -10.80 -2.88 11.17
CA VAL A 38 -9.51 -2.21 10.93
C VAL A 38 -8.36 -3.15 11.29
N ALA A 39 -7.25 -2.98 10.58
CA ALA A 39 -6.01 -3.71 10.88
C ALA A 39 -5.14 -2.82 11.75
N ILE A 40 -4.60 -3.37 12.83
CA ILE A 40 -3.79 -2.61 13.77
C ILE A 40 -2.37 -3.17 13.79
N LYS A 41 -1.44 -2.43 13.18
CA LYS A 41 -0.03 -2.83 13.18
C LYS A 41 0.57 -2.45 14.52
N ILE A 42 1.21 -3.42 15.15
CA ILE A 42 1.80 -3.27 16.49
C ILE A 42 3.30 -3.44 16.37
N MET A 43 4.04 -2.51 16.97
CA MET A 43 5.51 -2.53 16.94
C MET A 43 6.05 -2.31 18.34
N ASP A 44 6.94 -3.19 18.77
CA ASP A 44 7.64 -3.05 20.03
C ASP A 44 8.80 -2.08 19.80
N LYS A 45 8.79 -0.97 20.53
CA LYS A 45 9.85 0.05 20.41
C LYS A 45 11.19 -0.51 20.90
N ASN A 46 11.14 -1.27 21.99
CA ASN A 46 12.34 -1.74 22.67
C ASN A 46 13.10 -2.78 21.83
N THR A 47 12.38 -3.75 21.30
CA THR A 47 12.96 -4.83 20.48
C THR A 47 12.66 -4.57 19.00
N LEU A 48 13.49 -3.75 18.37
CA LEU A 48 13.27 -3.32 16.98
C LEU A 48 14.60 -3.14 16.25
N ASP A 51 16.14 0.31 13.23
CA ASP A 51 14.80 0.02 12.73
C ASP A 51 13.71 0.93 13.31
N LEU A 52 14.02 1.62 14.41
CA LEU A 52 13.13 2.67 14.94
C LEU A 52 12.79 3.77 13.93
N PRO A 53 13.77 4.22 13.11
CA PRO A 53 13.44 5.17 12.04
C PRO A 53 12.43 4.68 11.00
N ARG A 54 12.39 3.37 10.76
CA ARG A 54 11.48 2.74 9.79
C ARG A 54 9.99 3.11 9.96
N ILE A 55 9.56 3.36 11.20
CA ILE A 55 8.14 3.62 11.50
C ILE A 55 7.76 5.11 11.52
N LYS A 56 8.71 5.99 11.84
CA LYS A 56 8.53 7.43 11.61
C LYS A 56 8.42 7.68 10.10
N THR A 57 9.25 7.00 9.33
CA THR A 57 9.20 7.01 7.87
C THR A 57 7.82 6.64 7.35
N GLU A 58 7.31 5.52 7.85
CA GLU A 58 6.03 4.98 7.38
C GLU A 58 4.86 5.87 7.77
N ILE A 59 4.85 6.33 9.02
CA ILE A 59 3.73 7.12 9.55
C ILE A 59 3.64 8.47 8.85
N GLU A 60 4.79 9.15 8.70
CA GLU A 60 4.80 10.47 8.05
C GLU A 60 4.52 10.35 6.56
N ALA A 61 4.95 9.25 5.95
CA ALA A 61 4.60 8.95 4.56
C ALA A 61 3.09 8.78 4.41
N LEU A 62 2.48 8.00 5.28
CA LEU A 62 1.03 7.77 5.21
C LEU A 62 0.18 9.01 5.48
N LYS A 63 0.65 9.88 6.38
CA LYS A 63 0.01 11.19 6.61
C LYS A 63 -0.02 12.07 5.35
N ASN A 64 1.00 11.94 4.50
CA ASN A 64 1.10 12.71 3.25
C ASN A 64 0.64 11.98 1.99
N LEU A 65 0.03 10.80 2.15
CA LEU A 65 -0.43 9.99 1.01
C LEU A 65 -1.89 9.61 1.23
N ARG A 66 -2.77 10.12 0.37
CA ARG A 66 -4.21 9.84 0.43
C ARG A 66 -4.65 9.50 -0.98
N HIS A 67 -4.98 8.22 -1.20
CA HIS A 67 -5.16 7.69 -2.54
C HIS A 67 -6.05 6.44 -2.53
N GLN A 68 -6.76 6.26 -3.64
CA GLN A 68 -7.68 5.12 -3.83
C GLN A 68 -7.04 3.72 -3.83
N HIS A 69 -5.72 3.65 -4.00
CA HIS A 69 -4.97 2.39 -3.98
C HIS A 69 -3.78 2.46 -3.00
N ILE A 70 -3.89 3.32 -1.99
CA ILE A 70 -2.97 3.29 -0.86
C ILE A 70 -3.79 3.01 0.38
N CYS A 71 -3.24 2.17 1.25
CA CYS A 71 -3.91 1.77 2.48
C CYS A 71 -4.00 2.96 3.43
N GLN A 72 -5.22 3.26 3.86
CA GLN A 72 -5.49 4.44 4.67
C GLN A 72 -5.09 4.23 6.14
N LEU A 73 -4.41 5.23 6.70
CA LEU A 73 -4.12 5.29 8.15
C LEU A 73 -5.22 6.07 8.85
N TYR A 74 -5.54 5.66 10.07
CA TYR A 74 -6.61 6.28 10.85
C TYR A 74 -6.14 6.86 12.18
N HIS A 75 -5.45 6.04 12.96
CA HIS A 75 -5.14 6.32 14.34
C HIS A 75 -3.73 5.84 14.63
N VAL A 76 -2.92 6.70 15.24
CA VAL A 76 -1.62 6.31 15.77
C VAL A 76 -1.62 6.50 17.29
N LEU A 77 -1.24 5.44 18.01
CA LEU A 77 -1.11 5.48 19.47
C LEU A 77 0.29 5.00 19.85
N GLU A 78 0.99 5.83 20.63
CA GLU A 78 2.32 5.51 21.13
C GLU A 78 2.25 5.35 22.64
N THR A 79 2.87 4.29 23.14
CA THR A 79 2.99 4.05 24.58
C THR A 79 4.46 3.97 24.95
N ALA A 80 4.73 3.77 26.24
CA ALA A 80 6.08 3.60 26.73
C ALA A 80 6.86 2.53 25.96
N ASN A 81 6.21 1.42 25.63
CA ASN A 81 6.85 0.28 24.95
C ASN A 81 6.33 -0.06 23.55
N LYS A 82 5.19 0.49 23.14
CA LYS A 82 4.57 0.13 21.84
C LYS A 82 4.26 1.33 20.95
N ILE A 83 4.15 1.05 19.67
CA ILE A 83 3.54 1.95 18.68
C ILE A 83 2.46 1.15 18.00
N PHE A 84 1.24 1.69 18.02
CA PHE A 84 0.10 1.07 17.34
C PHE A 84 -0.28 1.96 16.16
N MET A 85 -0.42 1.35 14.98
CA MET A 85 -0.94 2.05 13.81
C MET A 85 -2.23 1.39 13.36
N VAL A 86 -3.34 2.09 13.54
CA VAL A 86 -4.64 1.58 13.10
C VAL A 86 -4.77 1.94 11.63
N LEU A 87 -5.09 0.93 10.82
CA LEU A 87 -5.06 1.02 9.37
C LEU A 87 -6.31 0.45 8.74
N GLU A 88 -6.48 0.72 7.44
CA GLU A 88 -7.56 0.14 6.64
C GLU A 88 -7.40 -1.37 6.55
N TYR A 89 -8.45 -2.09 6.95
CA TYR A 89 -8.48 -3.56 6.84
C TYR A 89 -8.84 -3.99 5.43
N CYS A 90 -8.00 -4.85 4.85
CA CYS A 90 -8.14 -5.31 3.47
C CYS A 90 -8.42 -6.83 3.44
N PRO A 91 -9.70 -7.24 3.53
CA PRO A 91 -10.07 -8.65 3.75
C PRO A 91 -9.66 -9.62 2.65
N GLY A 92 -9.45 -9.12 1.43
CA GLY A 92 -8.94 -9.93 0.33
C GLY A 92 -7.52 -10.46 0.54
N GLY A 93 -6.77 -9.87 1.47
CA GLY A 93 -5.45 -10.39 1.83
C GLY A 93 -4.41 -10.09 0.78
N GLU A 94 -3.26 -10.75 0.86
CA GLU A 94 -2.12 -10.47 -0.02
C GLU A 94 -2.38 -10.84 -1.47
N LEU A 95 -1.85 -10.03 -2.38
CA LEU A 95 -1.87 -10.34 -3.81
C LEU A 95 -1.10 -11.62 -4.10
N PHE A 96 0.01 -11.81 -3.39
CA PHE A 96 0.82 -13.03 -3.45
C PHE A 96 -0.02 -14.31 -3.36
N ASP A 97 -0.92 -14.36 -2.37
CA ASP A 97 -1.75 -15.54 -2.13
C ASP A 97 -2.73 -15.82 -3.28
N TYR A 98 -3.21 -14.76 -3.91
CA TYR A 98 -4.07 -14.87 -5.10
C TYR A 98 -3.27 -15.40 -6.30
N ILE A 99 -2.00 -15.00 -6.40
CA ILE A 99 -1.09 -15.48 -7.45
C ILE A 99 -0.69 -16.95 -7.21
N ILE A 100 -0.75 -17.41 -5.97
CA ILE A 100 -0.52 -18.83 -5.68
C ILE A 100 -1.75 -19.69 -6.00
N SER A 101 -2.94 -19.23 -5.62
CA SER A 101 -4.19 -20.00 -5.80
C SER A 101 -4.54 -20.18 -7.27
N GLN A 102 -4.43 -19.10 -8.03
CA GLN A 102 -4.39 -19.16 -9.49
C GLN A 102 -2.92 -19.43 -9.71
N ASP A 103 -2.52 -20.21 -10.71
CA ASP A 103 -1.08 -20.43 -10.94
C ASP A 103 -0.42 -19.11 -11.34
N ARG A 104 -1.07 -18.45 -12.30
CA ARG A 104 -0.67 -17.16 -12.79
C ARG A 104 -1.90 -16.46 -13.32
N LEU A 105 -1.80 -15.15 -13.53
CA LEU A 105 -2.91 -14.39 -14.07
C LEU A 105 -2.80 -14.31 -15.60
N SER A 106 -3.96 -14.25 -16.26
CA SER A 106 -4.00 -14.02 -17.69
C SER A 106 -3.57 -12.58 -17.93
N GLU A 107 -3.16 -12.30 -19.17
CA GLU A 107 -2.73 -10.96 -19.56
C GLU A 107 -3.80 -9.91 -19.24
N GLU A 108 -5.06 -10.27 -19.47
CA GLU A 108 -6.18 -9.35 -19.29
C GLU A 108 -6.40 -9.05 -17.82
N GLU A 109 -6.38 -10.11 -17.00
CA GLU A 109 -6.53 -9.99 -15.56
C GLU A 109 -5.31 -9.33 -14.92
N THR A 110 -4.12 -9.64 -15.44
CA THR A 110 -2.88 -8.98 -15.00
C THR A 110 -2.94 -7.47 -15.20
N ARG A 111 -3.36 -7.05 -16.39
CA ARG A 111 -3.45 -5.63 -16.74
C ARG A 111 -4.37 -4.87 -15.78
N VAL A 112 -5.52 -5.46 -15.47
CA VAL A 112 -6.49 -4.89 -14.52
C VAL A 112 -5.78 -4.60 -13.20
N VAL A 113 -5.13 -5.64 -12.68
CA VAL A 113 -4.37 -5.59 -11.44
C VAL A 113 -3.19 -4.62 -11.51
N PHE A 114 -2.45 -4.65 -12.63
CA PHE A 114 -1.22 -3.87 -12.76
C PHE A 114 -1.44 -2.37 -12.88
N ARG A 115 -2.51 -1.99 -13.57
CA ARG A 115 -2.88 -0.58 -13.71
C ARG A 115 -3.17 0.08 -12.36
N GLN A 116 -3.63 -0.70 -11.38
CA GLN A 116 -3.84 -0.19 -10.03
C GLN A 116 -2.53 0.03 -9.29
N ILE A 117 -1.56 -0.85 -9.52
CA ILE A 117 -0.23 -0.74 -8.94
C ILE A 117 0.50 0.46 -9.53
N VAL A 118 0.40 0.63 -10.85
CA VAL A 118 1.02 1.77 -11.53
C VAL A 118 0.38 3.07 -11.06
N SER A 119 -0.95 3.05 -10.88
CA SER A 119 -1.68 4.19 -10.33
C SER A 119 -1.15 4.62 -8.97
N ALA A 120 -1.02 3.66 -8.05
CA ALA A 120 -0.56 3.94 -6.68
C ALA A 120 0.88 4.42 -6.62
N VAL A 121 1.77 3.76 -7.37
CA VAL A 121 3.19 4.11 -7.37
C VAL A 121 3.44 5.43 -8.08
N ALA A 122 2.72 5.67 -9.18
CA ALA A 122 2.80 6.95 -9.88
C ALA A 122 2.41 8.13 -8.98
N TYR A 123 1.35 7.94 -8.19
CA TYR A 123 0.94 8.93 -7.19
C TYR A 123 1.99 9.13 -6.09
N VAL A 124 2.53 8.04 -5.58
CA VAL A 124 3.59 8.07 -4.55
C VAL A 124 4.77 8.91 -5.03
N HIS A 125 5.13 8.74 -6.29
CA HIS A 125 6.18 9.54 -6.92
C HIS A 125 5.78 11.01 -7.10
N SER A 126 4.53 11.25 -7.51
CA SER A 126 3.99 12.60 -7.62
C SER A 126 4.14 13.40 -6.33
N GLN A 127 3.97 12.73 -5.20
CA GLN A 127 4.16 13.32 -3.86
C GLN A 127 5.61 13.38 -3.40
N GLY A 128 6.55 12.98 -4.25
CA GLY A 128 7.98 13.05 -3.94
C GLY A 128 8.63 11.84 -3.29
N TYR A 129 7.89 10.75 -3.11
CA TYR A 129 8.41 9.55 -2.46
C TYR A 129 8.79 8.47 -3.48
N ALA A 130 9.52 7.46 -3.01
CA ALA A 130 9.79 6.25 -3.76
C ALA A 130 9.63 5.06 -2.81
N HIS A 131 8.70 4.15 -3.12
CA HIS A 131 8.34 3.06 -2.19
C HIS A 131 9.52 2.17 -1.80
N ARG A 132 10.28 1.73 -2.80
CA ARG A 132 11.53 0.97 -2.64
C ARG A 132 11.35 -0.39 -1.94
N ASP A 133 10.15 -0.97 -2.06
CA ASP A 133 9.84 -2.25 -1.44
C ASP A 133 8.57 -2.87 -2.05
N LEU A 134 8.46 -2.83 -3.38
CA LEU A 134 7.23 -3.21 -4.07
C LEU A 134 7.25 -4.68 -4.41
N LYS A 135 6.19 -5.38 -4.03
CA LYS A 135 6.05 -6.82 -4.28
C LYS A 135 4.62 -7.26 -3.95
N PRO A 136 4.21 -8.46 -4.42
CA PRO A 136 2.82 -8.92 -4.18
C PRO A 136 2.44 -9.02 -2.70
N GLU A 137 3.41 -9.32 -1.84
CA GLU A 137 3.19 -9.35 -0.40
C GLU A 137 2.73 -7.99 0.14
N ASN A 138 3.24 -6.90 -0.46
CA ASN A 138 2.92 -5.52 -0.05
C ASN A 138 1.75 -4.87 -0.81
N LEU A 139 0.94 -5.67 -1.49
CA LEU A 139 -0.29 -5.22 -2.13
C LEU A 139 -1.43 -6.10 -1.64
N LEU A 140 -2.49 -5.48 -1.14
CA LEU A 140 -3.64 -6.20 -0.56
C LEU A 140 -4.92 -5.90 -1.30
N PHE A 141 -5.80 -6.89 -1.39
CA PHE A 141 -7.13 -6.68 -1.95
C PHE A 141 -8.10 -6.22 -0.87
N ASP A 142 -8.73 -5.07 -1.08
CA ASP A 142 -9.78 -4.59 -0.17
C ASP A 142 -11.08 -5.35 -0.42
N GLU A 143 -12.11 -5.03 0.37
CA GLU A 143 -13.45 -5.62 0.23
C GLU A 143 -14.02 -5.61 -1.19
N TYR A 144 -13.71 -4.57 -1.95
CA TYR A 144 -14.11 -4.46 -3.38
C TYR A 144 -13.24 -5.25 -4.37
N HIS A 145 -12.23 -5.97 -3.89
CA HIS A 145 -11.21 -6.61 -4.73
C HIS A 145 -10.42 -5.57 -5.55
N LYS A 146 -10.21 -4.40 -4.94
CA LYS A 146 -9.31 -3.37 -5.46
C LYS A 146 -8.04 -3.42 -4.63
N LEU A 147 -6.91 -3.13 -5.26
CA LEU A 147 -5.61 -3.23 -4.60
C LEU A 147 -5.30 -2.02 -3.74
N LYS A 148 -4.57 -2.26 -2.66
CA LYS A 148 -4.11 -1.23 -1.73
C LYS A 148 -2.65 -1.50 -1.35
N LEU A 149 -1.81 -0.49 -1.54
CA LEU A 149 -0.36 -0.58 -1.27
C LEU A 149 -0.09 -0.35 0.21
N ILE A 150 0.84 -1.11 0.76
CA ILE A 150 1.14 -1.11 2.19
C ILE A 150 2.66 -1.10 2.45
N ASP A 151 3.04 -1.09 3.73
CA ASP A 151 4.46 -1.14 4.16
C ASP A 151 5.30 -0.04 3.52
N PHE A 152 5.13 1.18 4.01
CA PHE A 152 5.85 2.36 3.53
C PHE A 152 7.09 2.68 4.38
N GLY A 153 7.63 1.67 5.05
CA GLY A 153 8.77 1.84 5.95
C GLY A 153 10.10 2.20 5.30
N LEU A 154 10.24 1.92 4.01
CA LEU A 154 11.46 2.27 3.27
C LEU A 154 11.32 3.43 2.27
N CYS A 155 10.22 4.18 2.32
CA CYS A 155 9.97 5.25 1.34
C CYS A 155 10.25 6.65 1.90
N ALA A 156 11.31 7.28 1.39
CA ALA A 156 11.76 8.59 1.86
C ALA A 156 11.66 9.66 0.77
N LYS A 157 12.03 10.89 1.13
CA LYS A 157 12.18 12.02 0.20
C LYS A 157 13.65 12.43 0.15
N SER A 172 12.78 -9.27 -0.52
CA SER A 172 12.78 -8.04 -1.29
C SER A 172 13.92 -7.97 -2.32
N LEU A 173 15.06 -8.58 -2.00
CA LEU A 173 16.23 -8.62 -2.92
C LEU A 173 15.88 -9.07 -4.34
N ALA A 174 14.98 -10.04 -4.47
CA ALA A 174 14.47 -10.48 -5.77
C ALA A 174 13.80 -9.35 -6.56
N TYR A 175 13.13 -8.46 -5.83
CA TYR A 175 12.46 -7.28 -6.38
C TYR A 175 13.35 -6.03 -6.45
N ALA A 176 14.53 -6.08 -5.83
CA ALA A 176 15.41 -4.91 -5.74
C ALA A 176 16.17 -4.68 -7.05
N ALA A 177 16.30 -3.40 -7.43
CA ALA A 177 16.92 -3.02 -8.71
C ALA A 177 18.45 -2.99 -8.60
N PRO A 178 19.17 -3.34 -9.69
CA PRO A 178 20.63 -3.45 -9.65
C PRO A 178 21.34 -2.21 -9.09
N GLU A 179 20.85 -1.02 -9.43
CA GLU A 179 21.39 0.24 -8.89
C GLU A 179 21.19 0.32 -7.39
N LEU A 180 19.99 -0.04 -6.94
CA LEU A 180 19.61 0.02 -5.52
C LEU A 180 20.44 -0.94 -4.68
N ILE A 181 20.80 -2.08 -5.25
CA ILE A 181 21.65 -3.06 -4.56
C ILE A 181 23.10 -2.58 -4.64
N GLN A 182 23.50 -2.09 -5.82
CA GLN A 182 24.83 -1.48 -6.00
C GLN A 182 25.01 -0.15 -5.23
N GLY A 183 23.92 0.47 -4.78
CA GLY A 183 23.98 1.65 -3.91
C GLY A 183 24.51 2.91 -4.56
N LYS A 184 24.04 3.19 -5.79
CA LYS A 184 24.55 4.33 -6.57
C LYS A 184 23.92 5.66 -6.15
N LEU A 187 18.44 7.49 -7.23
CA LEU A 187 17.62 7.07 -8.35
C LEU A 187 16.49 6.13 -7.89
N GLY A 188 15.72 6.60 -6.91
CA GLY A 188 14.63 5.81 -6.32
C GLY A 188 13.40 5.61 -7.20
N SER A 189 13.15 6.54 -8.12
CA SER A 189 12.00 6.47 -9.03
C SER A 189 12.14 5.36 -10.07
N GLU A 190 13.35 5.22 -10.62
CA GLU A 190 13.63 4.21 -11.64
C GLU A 190 13.70 2.81 -11.02
N ALA A 191 14.09 2.73 -9.75
CA ALA A 191 14.16 1.45 -9.03
C ALA A 191 12.77 0.85 -8.77
N ASP A 192 11.79 1.70 -8.47
CA ASP A 192 10.40 1.25 -8.35
C ASP A 192 9.83 0.73 -9.66
N VAL A 193 10.29 1.29 -10.78
CA VAL A 193 9.91 0.79 -12.10
C VAL A 193 10.46 -0.63 -12.29
N TRP A 194 11.71 -0.84 -11.88
CA TRP A 194 12.32 -2.18 -11.93
C TRP A 194 11.50 -3.17 -11.10
N SER A 195 11.25 -2.82 -9.84
CA SER A 195 10.46 -3.66 -8.94
C SER A 195 9.09 -4.01 -9.52
N MET A 196 8.44 -3.03 -10.16
CA MET A 196 7.17 -3.27 -10.85
C MET A 196 7.31 -4.20 -12.04
N GLY A 197 8.46 -4.14 -12.71
CA GLY A 197 8.83 -5.11 -13.75
C GLY A 197 8.86 -6.53 -13.23
N ILE A 198 9.45 -6.72 -12.06
CA ILE A 198 9.51 -8.04 -11.41
C ILE A 198 8.09 -8.47 -11.04
N LEU A 199 7.34 -7.53 -10.47
CA LEU A 199 5.94 -7.74 -10.11
C LEU A 199 5.08 -8.18 -11.31
N LEU A 200 5.22 -7.46 -12.43
CA LEU A 200 4.55 -7.82 -13.67
C LEU A 200 4.88 -9.25 -14.09
N TYR A 201 6.17 -9.59 -14.06
CA TYR A 201 6.65 -10.93 -14.42
C TYR A 201 6.02 -11.99 -13.55
N VAL A 202 6.00 -11.75 -12.24
CA VAL A 202 5.42 -12.70 -11.28
C VAL A 202 3.92 -12.90 -11.55
N LEU A 203 3.20 -11.81 -11.79
CA LEU A 203 1.76 -11.88 -12.10
C LEU A 203 1.46 -12.76 -13.32
N MET A 204 2.27 -12.60 -14.37
CA MET A 204 2.05 -13.31 -15.65
C MET A 204 2.71 -14.68 -15.75
N CYS A 205 3.71 -14.97 -14.90
CA CYS A 205 4.43 -16.25 -14.96
C CYS A 205 4.16 -17.17 -13.77
N GLY A 206 4.09 -16.59 -12.56
CA GLY A 206 3.86 -17.36 -11.33
C GLY A 206 5.13 -17.66 -10.56
N PHE A 207 6.25 -17.08 -11.01
CA PHE A 207 7.54 -17.24 -10.35
C PHE A 207 8.41 -16.04 -10.67
N LEU A 208 9.50 -15.91 -9.93
CA LEU A 208 10.40 -14.78 -10.09
C LEU A 208 11.26 -14.98 -11.31
N PRO A 209 11.59 -13.87 -12.02
CA PRO A 209 12.50 -13.96 -13.17
C PRO A 209 13.95 -14.22 -12.76
N PHE A 210 14.37 -13.65 -11.64
CA PHE A 210 15.68 -13.87 -11.05
C PHE A 210 15.43 -14.55 -9.71
N ASP A 211 15.90 -15.78 -9.56
CA ASP A 211 15.76 -16.49 -8.30
C ASP A 211 16.91 -17.48 -8.07
N ASP A 212 17.34 -17.58 -6.82
CA ASP A 212 18.38 -18.54 -6.43
C ASP A 212 18.46 -18.62 -4.90
N ASP A 213 18.73 -19.84 -4.40
CA ASP A 213 18.85 -20.09 -2.95
C ASP A 213 20.09 -19.42 -2.32
N ASN A 214 21.14 -19.22 -3.12
CA ASN A 214 22.31 -18.45 -2.70
C ASN A 214 22.12 -16.97 -3.07
N VAL A 215 22.26 -16.11 -2.06
CA VAL A 215 21.95 -14.68 -2.17
C VAL A 215 22.86 -13.91 -3.14
N MET A 216 24.13 -14.33 -3.25
CA MET A 216 25.08 -13.72 -4.19
C MET A 216 24.89 -14.20 -5.62
N ALA A 217 24.44 -15.45 -5.78
CA ALA A 217 24.11 -15.98 -7.10
C ALA A 217 22.87 -15.27 -7.67
N LEU A 218 21.93 -14.94 -6.78
CA LEU A 218 20.75 -14.14 -7.15
C LEU A 218 21.16 -12.72 -7.55
N TYR A 219 22.00 -12.13 -6.72
CA TYR A 219 22.65 -10.85 -7.01
C TYR A 219 23.22 -10.87 -8.44
N LYS A 220 24.01 -11.90 -8.75
CA LYS A 220 24.68 -12.01 -10.05
C LYS A 220 23.69 -12.09 -11.22
N LYS A 221 22.67 -12.93 -11.08
CA LYS A 221 21.60 -13.01 -12.08
C LYS A 221 20.95 -11.66 -12.34
N ILE A 222 20.66 -10.92 -11.26
CA ILE A 222 20.04 -9.59 -11.37
C ILE A 222 20.91 -8.62 -12.17
N MET A 223 22.23 -8.66 -11.93
CA MET A 223 23.16 -7.77 -12.64
C MET A 223 23.27 -8.11 -14.12
N ARG A 224 23.27 -9.40 -14.46
CA ARG A 224 23.29 -9.83 -15.87
C ARG A 224 22.01 -9.50 -16.62
N GLY A 225 20.88 -9.42 -15.90
CA GLY A 225 19.60 -9.04 -16.49
C GLY A 225 18.94 -10.07 -17.40
N LYS A 226 19.47 -11.30 -17.44
CA LYS A 226 18.96 -12.35 -18.31
C LYS A 226 17.94 -13.18 -17.54
N TYR A 227 16.78 -13.40 -18.16
CA TYR A 227 15.72 -14.19 -17.53
C TYR A 227 14.98 -15.04 -18.56
N ASP A 228 14.29 -16.07 -18.05
CA ASP A 228 13.46 -16.97 -18.86
C ASP A 228 12.23 -16.23 -19.38
N VAL A 229 11.83 -16.51 -20.61
CA VAL A 229 10.64 -15.90 -21.22
C VAL A 229 9.64 -17.01 -21.60
N PRO A 230 8.65 -17.29 -20.72
CA PRO A 230 7.70 -18.39 -20.96
C PRO A 230 6.87 -18.28 -22.24
N LYS A 231 6.49 -19.42 -22.79
CA LYS A 231 5.75 -19.51 -24.06
C LYS A 231 4.40 -18.79 -24.08
N TRP A 232 3.72 -18.76 -22.94
CA TRP A 232 2.39 -18.14 -22.85
C TRP A 232 2.36 -16.61 -22.93
N LEU A 233 3.50 -15.95 -22.79
CA LEU A 233 3.56 -14.48 -22.85
C LEU A 233 3.42 -13.98 -24.29
N SER A 234 2.65 -12.90 -24.45
CA SER A 234 2.52 -12.23 -25.74
C SER A 234 3.79 -11.42 -26.02
N PRO A 235 4.10 -11.19 -27.31
CA PRO A 235 5.18 -10.28 -27.73
C PRO A 235 5.16 -8.86 -27.14
N SER A 236 3.98 -8.34 -26.84
CA SER A 236 3.84 -7.00 -26.27
C SER A 236 4.16 -7.02 -24.77
N SER A 237 3.75 -8.09 -24.08
CA SER A 237 4.15 -8.31 -22.69
C SER A 237 5.66 -8.43 -22.56
N ILE A 238 6.26 -9.18 -23.48
CA ILE A 238 7.71 -9.41 -23.50
C ILE A 238 8.46 -8.11 -23.76
N LEU A 239 7.89 -7.26 -24.62
CA LEU A 239 8.49 -5.97 -24.90
C LEU A 239 8.48 -5.10 -23.65
N LEU A 240 7.33 -5.01 -23.00
CA LEU A 240 7.18 -4.24 -21.76
C LEU A 240 8.12 -4.75 -20.67
N LEU A 241 8.23 -6.07 -20.51
CA LEU A 241 9.16 -6.64 -19.53
C LEU A 241 10.61 -6.26 -19.83
N GLN A 242 10.97 -6.32 -21.11
CA GLN A 242 12.30 -5.95 -21.58
C GLN A 242 12.59 -4.46 -21.37
N GLN A 243 11.56 -3.63 -21.46
CA GLN A 243 11.69 -2.19 -21.20
C GLN A 243 11.77 -1.83 -19.72
N MET A 244 11.06 -2.60 -18.88
CA MET A 244 11.05 -2.37 -17.43
C MET A 244 12.25 -2.99 -16.72
N LEU A 245 12.80 -4.06 -17.27
CA LEU A 245 13.92 -4.77 -16.63
C LEU A 245 15.26 -4.53 -17.36
N GLN A 246 15.48 -3.28 -17.76
CA GLN A 246 16.79 -2.84 -18.17
C GLN A 246 17.65 -2.70 -16.92
N VAL A 247 18.82 -3.33 -16.94
CA VAL A 247 19.78 -3.24 -15.84
C VAL A 247 20.26 -1.80 -15.68
N ASP A 248 20.54 -1.16 -16.81
CA ASP A 248 20.84 0.27 -16.85
C ASP A 248 19.54 1.06 -16.65
N PRO A 249 19.44 1.85 -15.56
CA PRO A 249 18.22 2.63 -15.32
C PRO A 249 17.99 3.78 -16.30
N LYS A 250 19.05 4.24 -16.97
CA LYS A 250 18.93 5.24 -18.03
C LYS A 250 18.19 4.66 -19.23
N LYS A 251 18.55 3.43 -19.59
CA LYS A 251 17.86 2.68 -20.65
C LYS A 251 16.46 2.21 -20.27
N ARG A 252 16.19 2.10 -18.97
CA ARG A 252 14.89 1.67 -18.47
C ARG A 252 13.79 2.68 -18.79
N ILE A 253 12.59 2.15 -19.01
CA ILE A 253 11.40 2.98 -19.26
C ILE A 253 11.05 3.81 -18.01
N SER A 254 10.82 5.10 -18.22
CA SER A 254 10.44 6.00 -17.13
C SER A 254 9.00 5.76 -16.72
N MET A 255 8.64 6.27 -15.55
CA MET A 255 7.28 6.20 -15.04
C MET A 255 6.27 6.84 -16.01
N LYS A 256 6.64 7.99 -16.56
CA LYS A 256 5.79 8.74 -17.51
C LYS A 256 5.24 7.84 -18.62
N ASN A 257 6.14 7.23 -19.39
CA ASN A 257 5.75 6.40 -20.54
C ASN A 257 5.18 5.02 -20.17
N LEU A 258 5.28 4.66 -18.91
CA LEU A 258 4.58 3.47 -18.39
C LEU A 258 3.06 3.71 -18.32
N LEU A 259 2.65 4.93 -17.97
CA LEU A 259 1.23 5.28 -17.79
C LEU A 259 0.40 5.10 -19.05
N ASN A 260 1.01 5.28 -20.22
CA ASN A 260 0.30 5.19 -21.51
C ASN A 260 0.96 4.20 -22.49
N HIS A 261 1.56 3.14 -21.96
CA HIS A 261 2.25 2.16 -22.79
C HIS A 261 1.22 1.32 -23.56
N PRO A 262 1.46 1.04 -24.87
CA PRO A 262 0.52 0.27 -25.69
C PRO A 262 -0.08 -0.99 -25.02
N TRP A 263 0.76 -1.76 -24.35
CA TRP A 263 0.32 -2.92 -23.56
C TRP A 263 -0.65 -2.54 -22.43
N ILE A 264 -0.31 -1.48 -21.69
CA ILE A 264 -1.17 -0.97 -20.60
C ILE A 264 -2.49 -0.41 -21.14
N MET A 265 -2.44 0.17 -22.33
CA MET A 265 -3.61 0.79 -22.97
C MET A 265 -4.59 -0.24 -23.52
N GLN A 266 -4.10 -1.43 -23.87
CA GLN A 266 -4.91 -2.51 -24.44
C GLN A 266 -6.15 -2.79 -23.59
N ASP A 267 -7.30 -2.90 -24.23
CA ASP A 267 -8.62 -3.05 -23.58
C ASP A 267 -9.07 -1.85 -22.74
N TYR A 268 -8.39 -0.71 -22.84
CA TYR A 268 -8.66 0.45 -21.99
C TYR A 268 -8.75 1.73 -22.83
N ASN A 269 -7.67 2.03 -23.55
CA ASN A 269 -7.59 3.17 -24.46
C ASN A 269 -7.62 4.51 -23.73
N TYR A 270 -7.13 4.53 -22.49
CA TYR A 270 -6.75 5.76 -21.80
C TYR A 270 -5.59 5.43 -20.86
N PRO A 271 -4.75 6.42 -20.52
CA PRO A 271 -3.63 6.13 -19.61
C PRO A 271 -4.07 5.77 -18.20
N VAL A 272 -3.10 5.41 -17.36
CA VAL A 272 -3.41 5.03 -15.99
C VAL A 272 -3.83 6.29 -15.23
N GLU A 273 -5.03 6.24 -14.66
CA GLU A 273 -5.52 7.31 -13.80
C GLU A 273 -4.85 7.23 -12.43
N TRP A 274 -3.75 7.96 -12.28
CA TRP A 274 -2.89 7.89 -11.09
C TRP A 274 -3.26 8.90 -10.01
N GLN A 275 -3.98 9.95 -10.39
CA GLN A 275 -4.36 11.01 -9.45
C GLN A 275 -5.37 10.50 -8.43
N SER A 276 -5.38 11.14 -7.27
CA SER A 276 -6.28 10.77 -6.19
C SER A 276 -7.73 11.10 -6.54
N LYS A 277 -8.60 10.11 -6.36
CA LYS A 277 -10.05 10.27 -6.52
C LYS A 277 -10.71 10.57 -5.18
N ASN A 278 -9.93 10.55 -4.10
CA ASN A 278 -10.43 10.81 -2.75
C ASN A 278 -9.57 11.84 -1.99
N PRO A 279 -9.19 12.96 -2.65
CA PRO A 279 -8.37 13.97 -1.96
C PRO A 279 -9.18 14.71 -0.91
N PHE A 280 -8.57 14.99 0.25
CA PHE A 280 -9.27 15.68 1.35
C PHE A 280 -9.52 17.15 1.01
N ILE A 281 -10.60 17.40 0.26
CA ILE A 281 -11.04 18.75 -0.07
C ILE A 281 -12.04 19.14 1.00
N HIS A 282 -11.73 20.23 1.72
CA HIS A 282 -12.55 20.72 2.83
C HIS A 282 -12.77 19.59 3.85
N LEU A 283 -13.95 19.51 4.46
CA LEU A 283 -14.31 18.41 5.33
C LEU A 283 -15.58 17.76 4.77
N ASP A 284 -16.14 16.81 5.52
CA ASP A 284 -17.45 16.25 5.23
C ASP A 284 -18.41 16.63 6.34
N ASP A 285 -19.48 17.32 5.97
CA ASP A 285 -20.45 17.86 6.92
C ASP A 285 -21.29 16.77 7.60
N ASP A 286 -21.54 15.68 6.89
CA ASP A 286 -22.35 14.57 7.42
C ASP A 286 -21.61 13.86 8.56
N CYS A 287 -20.30 13.70 8.41
CA CYS A 287 -19.45 13.13 9.46
C CYS A 287 -19.35 14.05 10.67
N VAL A 288 -19.18 15.35 10.41
CA VAL A 288 -19.04 16.35 11.47
C VAL A 288 -20.32 16.42 12.32
N THR A 289 -21.47 16.40 11.66
CA THR A 289 -22.74 16.48 12.38
C THR A 289 -22.96 15.27 13.30
N GLU A 290 -22.71 14.07 12.78
CA GLU A 290 -22.91 12.83 13.54
C GLU A 290 -22.01 12.74 14.80
N LEU A 291 -20.78 13.25 14.70
CA LEU A 291 -19.87 13.34 15.85
C LEU A 291 -20.39 14.31 16.92
N SER A 292 -20.69 15.54 16.49
CA SER A 292 -21.24 16.56 17.39
C SER A 292 -22.58 16.14 18.00
N VAL A 293 -23.39 15.41 17.22
CA VAL A 293 -24.64 14.83 17.71
C VAL A 293 -24.39 13.68 18.71
N HIS A 294 -23.48 12.76 18.38
CA HIS A 294 -23.23 11.61 19.24
C HIS A 294 -22.57 12.00 20.56
N HIS A 295 -21.61 12.92 20.51
CA HIS A 295 -20.91 13.43 21.71
C HIS A 295 -21.61 14.59 22.43
N ARG A 296 -22.69 15.12 21.84
CA ARG A 296 -23.44 16.28 22.35
C ARG A 296 -22.53 17.50 22.55
N ASN A 297 -21.83 17.85 21.48
CA ASN A 297 -20.87 18.95 21.48
C ASN A 297 -21.30 20.06 20.55
N ASN A 298 -20.73 21.23 20.80
CA ASN A 298 -20.80 22.37 19.89
C ASN A 298 -20.20 21.95 18.54
N ARG A 299 -20.92 22.25 17.46
CA ARG A 299 -20.50 21.87 16.12
C ARG A 299 -19.21 22.55 15.68
N GLN A 300 -19.09 23.85 15.95
CA GLN A 300 -17.90 24.61 15.60
C GLN A 300 -16.65 24.09 16.32
N THR A 301 -16.81 23.71 17.59
CA THR A 301 -15.72 23.11 18.38
C THR A 301 -15.29 21.77 17.79
N MET A 302 -16.27 21.00 17.32
CA MET A 302 -16.01 19.70 16.67
C MET A 302 -15.27 19.86 15.34
N GLU A 303 -15.60 20.90 14.57
CA GLU A 303 -14.88 21.21 13.33
C GLU A 303 -13.40 21.51 13.58
N ASP A 304 -13.10 22.21 14.67
CA ASP A 304 -11.72 22.60 15.00
C ASP A 304 -10.84 21.43 15.42
N LEU A 305 -11.37 20.56 16.28
CA LEU A 305 -10.61 19.41 16.81
C LEU A 305 -10.31 18.36 15.74
N ILE A 306 -11.25 18.15 14.82
CA ILE A 306 -11.01 17.32 13.62
C ILE A 306 -9.91 17.95 12.76
N SER A 307 -9.99 19.27 12.55
CA SER A 307 -9.02 20.02 11.77
C SER A 307 -7.60 20.05 12.36
N LEU A 308 -7.43 19.65 13.63
CA LEU A 308 -6.09 19.45 14.21
C LEU A 308 -5.35 18.27 13.58
N TRP A 309 -6.09 17.29 13.04
CA TRP A 309 -5.51 16.18 12.28
C TRP A 309 -4.36 15.49 13.04
N GLN A 310 -4.63 15.17 14.31
CA GLN A 310 -3.61 14.60 15.19
C GLN A 310 -3.44 13.08 15.01
N TYR A 311 -4.27 12.47 14.18
CA TYR A 311 -4.34 11.01 14.04
C TYR A 311 -4.54 10.35 15.41
N ASP A 312 -5.59 10.82 16.06
CA ASP A 312 -6.03 10.35 17.36
C ASP A 312 -7.40 9.70 17.18
N HIS A 313 -8.02 9.27 18.28
CA HIS A 313 -9.33 8.61 18.22
C HIS A 313 -10.41 9.41 17.50
N LEU A 314 -10.36 10.74 17.59
CA LEU A 314 -11.31 11.60 16.89
C LEU A 314 -11.07 11.59 15.37
N THR A 315 -9.79 11.67 14.96
CA THR A 315 -9.41 11.53 13.55
C THR A 315 -9.86 10.18 13.00
N ALA A 316 -9.64 9.13 13.81
CA ALA A 316 -10.05 7.78 13.48
C ALA A 316 -11.54 7.73 13.19
N THR A 317 -12.34 8.22 14.14
CA THR A 317 -13.80 8.21 14.02
C THR A 317 -14.27 8.96 12.77
N TYR A 318 -13.70 10.13 12.50
CA TYR A 318 -14.06 10.90 11.30
C TYR A 318 -13.75 10.14 10.02
N LEU A 319 -12.53 9.60 9.93
CA LEU A 319 -12.09 8.90 8.72
C LEU A 319 -12.86 7.60 8.48
N LEU A 320 -13.18 6.89 9.55
CA LEU A 320 -13.99 5.67 9.44
C LEU A 320 -15.45 5.97 9.07
N LEU A 321 -15.93 7.18 9.38
CA LEU A 321 -17.25 7.63 8.89
C LEU A 321 -17.22 8.01 7.41
N LEU A 322 -16.11 8.55 6.92
CA LEU A 322 -15.93 8.75 5.47
C LEU A 322 -15.96 7.40 4.74
N ALA A 323 -15.36 6.38 5.36
CA ALA A 323 -15.35 5.02 4.81
C ALA A 323 -16.76 4.48 4.64
N LYS A 324 -17.62 4.72 5.64
CA LYS A 324 -19.05 4.39 5.56
C LYS A 324 -19.73 5.08 4.37
N LYS A 325 -19.46 6.36 4.20
CA LYS A 325 -20.00 7.11 3.06
C LYS A 325 -19.47 6.57 1.73
N ALA A 326 -18.16 6.34 1.66
CA ALA A 326 -17.52 5.79 0.46
C ALA A 326 -18.11 4.44 0.01
N ARG A 327 -18.62 3.65 0.96
CA ARG A 327 -19.27 2.38 0.64
C ARG A 327 -20.80 2.44 0.53
N GLY A 328 -21.34 3.65 0.39
CA GLY A 328 -22.78 3.86 0.26
C GLY A 328 -23.60 3.45 1.47
N LYS A 329 -23.03 3.63 2.66
CA LYS A 329 -23.70 3.30 3.92
C LYS A 329 -23.99 4.58 4.72
N PRO A 330 -24.97 4.54 5.63
CA PRO A 330 -25.30 5.73 6.41
C PRO A 330 -24.25 6.07 7.47
N VAL A 331 -23.97 7.37 7.59
CA VAL A 331 -22.96 7.88 8.52
C VAL A 331 -23.59 7.95 9.93
N ARG A 332 -23.49 6.85 10.69
CA ARG A 332 -24.15 6.73 12.00
C ARG A 332 -23.29 5.98 13.03
N LEU A 333 -23.18 6.56 14.23
CA LEU A 333 -22.44 5.97 15.36
C LEU A 333 -23.42 5.33 16.35
N ARG A 334 -22.92 4.42 17.19
CA ARG A 334 -23.77 3.67 18.13
C ARG A 334 -23.25 3.70 19.57
S DMS B . -12.49 -0.41 5.84
O DMS B . -13.88 -0.01 5.54
C1 DMS B . -12.00 0.30 7.30
C2 DMS B . -12.45 -2.07 6.22
CL CL C . -6.71 3.14 -14.37
C1 XIN D . -3.44 -5.98 6.47
C2 XIN D . -2.37 -5.11 6.48
C3 XIN D . -3.47 -7.35 6.47
C4 XIN D . -4.54 -5.20 6.39
C5 XIN D . -2.87 -3.85 6.43
C6 XIN D . -1.02 -5.25 6.54
C7 XIN D . -2.28 -8.06 6.61
C11 XIN D . -2.09 -2.77 6.43
C12 XIN D . -0.16 -4.15 6.55
C15 XIN D . -4.93 -9.35 6.19
C16 XIN D . -0.70 -2.87 6.50
C17 XIN D . -0.46 -9.34 5.66
C18 XIN D . -0.46 -8.80 8.01
C19 XIN D . -6.13 -9.63 5.50
C21 XIN D . 0.14 -1.74 6.48
C23 XIN D . -6.60 -10.92 5.29
C24 XIN D . -4.67 -11.78 6.46
O25 XIN D . -0.34 -0.68 5.78
O26 XIN D . 1.26 -1.78 7.01
C27 XIN D . -5.87 -12.00 5.78
C30 XIN D . -7.18 -13.94 6.37
C31 XIN D . -6.11 -13.78 4.17
C32 XIN D . -7.49 -13.42 7.81
C35 XIN D . -8.94 -15.07 8.87
C36 XIN D . -9.55 -12.71 8.95
C37 XIN D . -10.37 -15.48 9.11
C38 XIN D . -11.00 -13.10 9.14
C40 XIN D . -12.42 -14.67 10.27
O33 XIN D . -7.62 -15.03 6.04
N34 XIN D . -8.88 -13.78 8.13
N39 XIN D . -11.01 -14.38 9.88
N29 XIN D . -6.36 -13.23 5.53
C20 XIN D . -4.21 -10.46 6.67
N8 XIN D . -4.67 -8.01 6.30
C14 XIN D . -1.67 -8.12 7.86
C22 XIN D . 0.14 -9.41 6.91
C13 XIN D . -1.67 -8.67 5.51
C28 XIN D . 0.42 0.54 5.67
N9 XIN D . -4.19 -3.92 6.37
O10 XIN D . -5.70 -5.57 6.35
#